data_3T2L
#
_entry.id   3T2L
#
_cell.length_a   87.285
_cell.length_b   87.285
_cell.length_c   101.476
_cell.angle_alpha   90.000
_cell.angle_beta   90.000
_cell.angle_gamma   120.000
#
_symmetry.space_group_name_H-M   'P 32 2 1'
#
loop_
_entity.id
_entity.type
_entity.pdbx_description
1 polymer 'Putative cell adhesion protein'
2 non-polymer 'CHLORIDE ION'
3 non-polymer GLYCEROL
4 water water
#
_entity_poly.entity_id   1
_entity_poly.type   'polypeptide(L)'
_entity_poly.pdbx_seq_one_letter_code
;GSDDRE(MSE)DDGRWKASALRVPLQVSSAVIKQEVVTRLAPDPVPLTEGAIGIFLSGTEPESGQEDSGYKVIDNRKYVY
SEGHWGPPTANDTIYLVGNDADVCAYYPYKDSYTDKTVIPLQSQDYVETEDIYYALNT(MSE)INGFTPAITFD(MSE)V
HAYSLVELKISRENYF(MSE)PCEISKITLKNSNLIKKGTINIAVDGSIHSSETGNYDLTTVTDASPHTLSVGESYVCRV
L(MSE)IPVPLKIERTDAEGGEFGLSVSLVIDGQQ(MSE)LVEIPYSELGEFRQGEKYVIGLKIKGTEIVPTVKALEWED
EEVNGGNKYPVE
;
_entity_poly.pdbx_strand_id   A
#
loop_
_chem_comp.id
_chem_comp.type
_chem_comp.name
_chem_comp.formula
CL non-polymer 'CHLORIDE ION' 'Cl -1'
GOL non-polymer GLYCEROL 'C3 H8 O3'
#
# COMPACT_ATOMS: atom_id res chain seq x y z
N LEU A 17 12.23 19.15 -35.33
CA LEU A 17 13.44 18.99 -34.52
C LEU A 17 13.06 18.50 -33.13
N ARG A 18 13.76 17.47 -32.69
CA ARG A 18 13.46 16.76 -31.46
C ARG A 18 14.72 16.45 -30.64
N VAL A 19 14.55 16.38 -29.33
CA VAL A 19 15.60 16.01 -28.38
C VAL A 19 15.07 14.85 -27.49
N PRO A 20 15.95 13.94 -27.01
CA PRO A 20 15.46 12.88 -26.10
C PRO A 20 14.98 13.41 -24.73
N LEU A 21 13.95 12.74 -24.17
CA LEU A 21 13.52 13.02 -22.81
C LEU A 21 14.68 12.66 -21.88
N GLN A 22 14.98 13.52 -20.88
CA GLN A 22 16.04 13.20 -19.93
C GLN A 22 15.46 12.85 -18.59
N VAL A 23 15.47 11.55 -18.24
CA VAL A 23 14.96 11.13 -16.91
C VAL A 23 16.13 11.32 -15.90
N SER A 24 16.15 12.49 -15.20
CA SER A 24 17.18 12.85 -14.22
C SER A 24 17.23 11.82 -13.08
N SER A 25 16.06 11.43 -12.57
CA SER A 25 15.94 10.44 -11.51
C SER A 25 14.49 10.07 -11.30
N ALA A 26 14.27 8.97 -10.55
CA ALA A 26 12.97 8.50 -10.08
C ALA A 26 13.17 8.36 -8.59
N VAL A 27 12.53 9.23 -7.80
CA VAL A 27 12.72 9.26 -6.33
C VAL A 27 11.45 8.84 -5.58
N ILE A 28 11.60 8.24 -4.38
CA ILE A 28 10.48 7.80 -3.54
C ILE A 28 10.03 8.95 -2.64
N LYS A 29 8.75 9.34 -2.76
CA LYS A 29 8.15 10.37 -1.93
CA LYS A 29 8.17 10.37 -1.91
C LYS A 29 7.74 9.76 -0.58
N GLN A 30 8.36 10.25 0.51
CA GLN A 30 8.05 9.78 1.85
C GLN A 30 6.91 10.62 2.40
N GLU A 31 5.88 9.95 2.91
CA GLU A 31 4.73 10.65 3.52
C GLU A 31 5.12 11.19 4.88
N VAL A 32 4.54 12.33 5.26
CA VAL A 32 4.78 12.99 6.54
C VAL A 32 3.75 12.44 7.48
N VAL A 33 4.18 11.53 8.36
CA VAL A 33 3.30 10.91 9.35
C VAL A 33 3.74 11.33 10.78
N THR A 34 5.01 11.07 11.15
CA THR A 34 5.59 11.37 12.48
C THR A 34 6.77 12.32 12.40
N ARG A 35 7.43 12.37 11.23
CA ARG A 35 8.58 13.23 10.99
CA ARG A 35 8.58 13.25 11.00
C ARG A 35 8.49 13.91 9.63
N LEU A 36 9.20 15.05 9.45
CA LEU A 36 9.23 15.75 8.17
C LEU A 36 10.10 14.94 7.20
N ALA A 37 9.80 15.05 5.91
CA ALA A 37 10.46 14.24 4.89
C ALA A 37 11.84 14.77 4.54
N PRO A 38 12.85 13.89 4.61
CA PRO A 38 14.20 14.31 4.19
C PRO A 38 14.30 14.34 2.64
N ASP A 39 15.53 14.43 2.10
CA ASP A 39 15.73 14.36 0.65
C ASP A 39 15.22 13.02 0.17
N PRO A 40 14.36 12.99 -0.88
CA PRO A 40 13.79 11.71 -1.36
C PRO A 40 14.85 10.72 -1.79
N VAL A 41 14.62 9.44 -1.49
CA VAL A 41 15.52 8.33 -1.79
C VAL A 41 15.38 7.97 -3.29
N PRO A 42 16.47 8.02 -4.08
CA PRO A 42 16.32 7.66 -5.51
C PRO A 42 16.28 6.16 -5.74
N LEU A 43 15.48 5.72 -6.75
CA LEU A 43 15.40 4.30 -7.16
C LEU A 43 16.64 4.05 -8.01
N THR A 44 17.43 3.01 -7.68
CA THR A 44 18.69 2.79 -8.40
C THR A 44 18.76 1.37 -9.01
N GLU A 45 17.59 0.81 -9.35
CA GLU A 45 17.51 -0.53 -9.93
C GLU A 45 16.16 -0.78 -10.54
N GLY A 46 16.16 -1.69 -11.52
CA GLY A 46 14.95 -2.16 -12.16
C GLY A 46 14.56 -1.33 -13.35
N ALA A 47 13.22 -1.20 -13.54
CA ALA A 47 12.65 -0.54 -14.69
C ALA A 47 11.37 0.20 -14.35
N ILE A 48 11.13 1.30 -15.09
CA ILE A 48 9.91 2.11 -14.95
C ILE A 48 9.12 2.03 -16.25
N GLY A 49 7.83 2.26 -16.15
CA GLY A 49 6.92 2.36 -17.29
C GLY A 49 6.56 3.82 -17.51
N ILE A 50 6.87 4.38 -18.68
CA ILE A 50 6.60 5.79 -18.98
C ILE A 50 5.47 5.90 -20.00
N PHE A 51 4.58 6.87 -19.78
CA PHE A 51 3.48 7.24 -20.67
C PHE A 51 3.64 8.66 -21.14
N LEU A 52 3.40 8.91 -22.43
CA LEU A 52 3.42 10.25 -22.99
C LEU A 52 2.20 10.44 -23.89
N SER A 53 1.54 11.59 -23.76
CA SER A 53 0.50 12.04 -24.65
C SER A 53 0.64 13.58 -24.85
N GLY A 54 0.34 14.07 -26.04
CA GLY A 54 0.41 15.50 -26.31
C GLY A 54 -0.57 16.28 -25.45
N THR A 55 -0.12 17.42 -24.89
CA THR A 55 -0.97 18.28 -24.04
C THR A 55 -2.14 18.79 -24.89
N GLU A 56 -3.35 18.79 -24.30
CA GLU A 56 -4.60 19.20 -24.96
C GLU A 56 -4.50 20.60 -25.60
N PRO A 57 -4.64 20.70 -26.96
CA PRO A 57 -4.57 22.03 -27.60
C PRO A 57 -5.81 22.89 -27.34
N GLU A 62 -6.96 20.08 -33.97
CA GLU A 62 -6.58 19.76 -32.59
C GLU A 62 -5.42 18.71 -32.57
N ASP A 63 -4.32 19.04 -33.26
CA ASP A 63 -3.12 18.19 -33.36
C ASP A 63 -2.08 18.61 -32.31
N SER A 64 -1.83 17.71 -31.34
CA SER A 64 -0.88 17.94 -30.26
C SER A 64 0.58 17.88 -30.72
N GLY A 65 0.85 17.22 -31.85
CA GLY A 65 2.19 17.05 -32.41
C GLY A 65 2.90 15.83 -31.84
N TYR A 66 2.15 14.96 -31.13
CA TYR A 66 2.69 13.74 -30.53
C TYR A 66 1.83 12.52 -30.79
N LYS A 67 2.50 11.44 -31.11
CA LYS A 67 1.92 10.12 -31.17
C LYS A 67 1.97 9.61 -29.71
N VAL A 68 0.88 9.02 -29.26
CA VAL A 68 0.71 8.47 -27.92
C VAL A 68 1.76 7.38 -27.67
N ILE A 69 2.40 7.41 -26.49
CA ILE A 69 3.36 6.39 -26.02
C ILE A 69 2.79 5.80 -24.74
N ASP A 70 2.51 4.49 -24.76
CA ASP A 70 1.93 3.79 -23.63
C ASP A 70 2.91 2.77 -23.07
N ASN A 71 3.24 2.89 -21.78
CA ASN A 71 4.06 1.95 -21.01
C ASN A 71 5.45 1.67 -21.65
N ARG A 72 6.18 2.73 -22.00
CA ARG A 72 7.52 2.58 -22.56
C ARG A 72 8.49 2.20 -21.41
N LYS A 73 9.21 1.08 -21.54
CA LYS A 73 10.14 0.61 -20.50
C LYS A 73 11.47 1.39 -20.55
N TYR A 74 11.84 2.00 -19.39
CA TYR A 74 13.14 2.69 -19.21
C TYR A 74 13.86 1.95 -18.11
N VAL A 75 15.17 1.74 -18.27
CA VAL A 75 15.92 0.92 -17.31
C VAL A 75 17.04 1.70 -16.63
N TYR A 76 17.34 1.36 -15.39
CA TYR A 76 18.42 2.04 -14.71
C TYR A 76 19.73 1.34 -15.07
N SER A 77 20.68 2.09 -15.60
CA SER A 77 21.97 1.55 -16.00
C SER A 77 23.02 2.65 -16.00
N GLU A 78 24.21 2.33 -15.44
CA GLU A 78 25.38 3.21 -15.35
C GLU A 78 25.00 4.55 -14.70
N GLY A 79 24.35 4.46 -13.56
CA GLY A 79 23.91 5.60 -12.76
C GLY A 79 22.74 6.42 -13.26
N HIS A 80 22.12 6.07 -14.43
CA HIS A 80 20.98 6.84 -14.96
CA HIS A 80 21.00 6.84 -14.97
C HIS A 80 19.88 5.96 -15.56
N TRP A 81 18.66 6.53 -15.67
CA TRP A 81 17.50 5.91 -16.30
C TRP A 81 17.56 6.21 -17.78
N GLY A 82 17.29 5.24 -18.63
CA GLY A 82 17.34 5.47 -20.07
C GLY A 82 16.66 4.38 -20.86
N PRO A 83 16.51 4.54 -22.20
CA PRO A 83 15.85 3.46 -22.98
C PRO A 83 16.74 2.21 -23.07
N PRO A 84 16.20 0.97 -23.08
CA PRO A 84 17.10 -0.21 -23.19
C PRO A 84 17.94 -0.17 -24.47
N THR A 85 17.38 0.30 -25.60
CA THR A 85 18.05 0.51 -26.90
C THR A 85 17.66 1.89 -27.45
N ALA A 86 18.38 2.37 -28.49
CA ALA A 86 18.16 3.67 -29.14
C ALA A 86 16.74 3.82 -29.70
N ASN A 87 16.15 2.77 -30.29
CA ASN A 87 14.80 2.78 -30.87
C ASN A 87 13.70 2.98 -29.81
N ASP A 88 14.04 2.74 -28.52
CA ASP A 88 13.09 2.89 -27.43
C ASP A 88 13.07 4.33 -26.89
N THR A 89 13.97 5.21 -27.39
CA THR A 89 14.08 6.61 -26.95
C THR A 89 12.75 7.36 -27.10
N ILE A 90 12.36 8.07 -26.05
CA ILE A 90 11.19 8.95 -26.06
C ILE A 90 11.70 10.36 -26.49
N TYR A 91 11.18 10.92 -27.59
CA TYR A 91 11.58 12.25 -28.08
C TYR A 91 10.58 13.35 -27.74
N LEU A 92 11.10 14.54 -27.50
CA LEU A 92 10.31 15.74 -27.24
C LEU A 92 10.56 16.76 -28.35
N VAL A 93 9.48 17.47 -28.73
CA VAL A 93 9.48 18.56 -29.72
C VAL A 93 9.13 19.82 -28.96
N GLY A 94 9.01 20.96 -29.68
CA GLY A 94 8.68 22.24 -29.07
C GLY A 94 7.35 22.27 -28.35
N ASN A 95 6.39 21.45 -28.84
CA ASN A 95 5.05 21.29 -28.27
C ASN A 95 5.08 20.57 -26.90
N ASP A 96 4.16 20.96 -26.02
CA ASP A 96 4.03 20.39 -24.70
C ASP A 96 3.45 18.95 -24.73
N ALA A 97 3.98 18.10 -23.85
CA ALA A 97 3.54 16.72 -23.66
C ALA A 97 3.27 16.51 -22.21
N ASP A 98 2.35 15.61 -21.88
CA ASP A 98 2.02 15.19 -20.51
C ASP A 98 2.69 13.82 -20.30
N VAL A 99 3.64 13.74 -19.35
CA VAL A 99 4.44 12.54 -19.08
C VAL A 99 4.20 12.05 -17.65
N CYS A 100 3.83 10.76 -17.51
CA CYS A 100 3.66 10.14 -16.20
C CYS A 100 4.45 8.85 -16.20
N ALA A 101 4.59 8.23 -15.03
CA ALA A 101 5.38 7.00 -14.89
C ALA A 101 4.97 6.23 -13.67
N TYR A 102 5.34 4.95 -13.61
CA TYR A 102 5.11 4.10 -12.46
C TYR A 102 6.31 3.16 -12.37
N TYR A 103 6.46 2.55 -11.20
CA TYR A 103 7.50 1.60 -10.86
C TYR A 103 6.89 0.51 -9.96
N PRO A 104 7.32 -0.77 -10.09
CA PRO A 104 8.21 -1.32 -11.14
C PRO A 104 7.45 -1.63 -12.43
N TYR A 105 8.13 -1.48 -13.56
CA TYR A 105 7.55 -1.76 -14.88
C TYR A 105 6.88 -3.13 -14.93
N LYS A 106 5.69 -3.21 -15.57
CA LYS A 106 4.95 -4.47 -15.80
C LYS A 106 4.52 -4.45 -17.27
N ASP A 107 4.95 -5.48 -18.05
CA ASP A 107 4.76 -5.57 -19.49
CA ASP A 107 4.74 -5.55 -19.50
C ASP A 107 3.31 -5.33 -19.95
N SER A 108 2.32 -5.80 -19.18
CA SER A 108 0.90 -5.69 -19.52
C SER A 108 0.15 -4.38 -19.08
N TYR A 109 0.82 -3.45 -18.39
CA TYR A 109 0.18 -2.24 -17.87
C TYR A 109 0.15 -1.16 -18.94
N THR A 110 -0.68 -1.39 -19.96
CA THR A 110 -0.75 -0.56 -21.15
C THR A 110 -1.78 0.62 -21.08
N ASP A 111 -2.55 0.79 -19.99
CA ASP A 111 -3.47 1.93 -19.89
C ASP A 111 -3.27 2.65 -18.53
N LYS A 112 -2.66 3.86 -18.55
CA LYS A 112 -2.33 4.69 -17.39
C LYS A 112 -3.59 5.13 -16.55
N THR A 113 -4.77 5.14 -17.17
CA THR A 113 -5.98 5.59 -16.48
C THR A 113 -6.64 4.46 -15.64
N VAL A 114 -6.26 3.18 -15.90
CA VAL A 114 -6.81 1.99 -15.24
C VAL A 114 -5.67 1.02 -14.83
N ILE A 115 -4.62 1.53 -14.17
CA ILE A 115 -3.53 0.70 -13.64
C ILE A 115 -4.12 -0.21 -12.54
N PRO A 116 -4.01 -1.55 -12.66
CA PRO A 116 -4.69 -2.44 -11.69
C PRO A 116 -4.13 -2.42 -10.26
N LEU A 117 -5.04 -2.49 -9.30
CA LEU A 117 -4.72 -2.57 -7.87
C LEU A 117 -5.51 -3.71 -7.27
N GLN A 118 -4.92 -4.40 -6.33
CA GLN A 118 -5.56 -5.51 -5.65
C GLN A 118 -4.99 -5.62 -4.25
N SER A 119 -5.86 -5.54 -3.23
CA SER A 119 -5.43 -5.76 -1.83
C SER A 119 -4.92 -7.20 -1.72
N GLN A 120 -3.68 -7.37 -1.23
CA GLN A 120 -3.03 -8.68 -1.19
C GLN A 120 -1.95 -8.71 -0.13
N ASP A 121 -1.52 -9.93 0.26
CA ASP A 121 -0.40 -10.09 1.18
C ASP A 121 0.83 -9.50 0.51
N TYR A 122 1.63 -8.79 1.28
CA TYR A 122 2.74 -8.03 0.76
C TYR A 122 3.69 -8.90 -0.10
N VAL A 123 4.02 -8.35 -1.29
CA VAL A 123 4.97 -8.84 -2.27
C VAL A 123 5.64 -7.59 -2.77
N GLU A 124 6.96 -7.50 -2.63
CA GLU A 124 7.73 -6.30 -2.98
C GLU A 124 7.48 -5.81 -4.43
N THR A 125 7.41 -6.73 -5.43
CA THR A 125 7.17 -6.30 -6.83
C THR A 125 5.72 -5.81 -7.05
N GLU A 126 4.82 -6.06 -6.08
CA GLU A 126 3.43 -5.62 -6.11
C GLU A 126 3.28 -4.22 -5.50
N ASP A 127 4.33 -3.72 -4.83
CA ASP A 127 4.34 -2.39 -4.21
C ASP A 127 4.61 -1.34 -5.30
N ILE A 128 3.52 -0.81 -5.86
CA ILE A 128 3.50 0.16 -6.95
C ILE A 128 3.64 1.59 -6.47
N TYR A 129 4.47 2.35 -7.18
CA TYR A 129 4.71 3.80 -7.05
C TYR A 129 4.29 4.48 -8.37
N TYR A 130 3.77 5.70 -8.30
CA TYR A 130 3.36 6.40 -9.51
C TYR A 130 3.67 7.89 -9.36
N ALA A 131 3.96 8.55 -10.48
CA ALA A 131 4.22 9.98 -10.60
C ALA A 131 3.16 10.55 -11.57
N LEU A 132 2.29 11.45 -11.08
CA LEU A 132 1.25 12.07 -11.93
C LEU A 132 1.87 12.85 -13.06
N ASN A 133 1.07 13.19 -14.09
CA ASN A 133 1.50 13.96 -15.27
C ASN A 133 2.35 15.20 -14.94
N THR A 134 3.39 15.42 -15.74
CA THR A 134 4.23 16.62 -15.74
C THR A 134 4.19 17.11 -17.14
N MSE A 135 3.96 18.41 -17.32
CA MSE A 135 3.98 19.05 -18.63
C MSE A 135 5.43 19.36 -18.96
O MSE A 135 6.16 19.93 -18.15
CB MSE A 135 3.11 20.31 -18.64
CG MSE A 135 2.67 20.68 -20.04
SE MSE A 135 1.59 22.31 -20.09
CE MSE A 135 0.22 21.80 -18.68
N ILE A 136 5.87 18.94 -20.14
CA ILE A 136 7.27 19.05 -20.54
C ILE A 136 7.35 19.14 -22.07
N ASN A 137 8.42 19.77 -22.59
CA ASN A 137 8.72 19.94 -24.02
C ASN A 137 10.24 19.94 -24.23
N GLY A 138 10.68 19.91 -25.48
CA GLY A 138 12.09 19.88 -25.85
C GLY A 138 12.97 21.04 -25.39
N PHE A 139 12.38 22.18 -24.97
CA PHE A 139 13.15 23.33 -24.45
C PHE A 139 13.72 23.04 -23.03
N THR A 140 13.05 22.19 -22.24
CA THR A 140 13.43 21.78 -20.87
C THR A 140 13.14 20.27 -20.78
N PRO A 141 13.97 19.41 -21.43
CA PRO A 141 13.61 17.99 -21.56
C PRO A 141 13.91 17.12 -20.34
N ALA A 142 14.38 17.73 -19.25
CA ALA A 142 14.74 17.01 -18.04
C ALA A 142 13.55 16.85 -17.10
N ILE A 143 13.32 15.63 -16.62
CA ILE A 143 12.23 15.28 -15.69
C ILE A 143 12.76 14.44 -14.49
N THR A 144 12.19 14.67 -13.30
CA THR A 144 12.38 13.86 -12.10
C THR A 144 11.01 13.28 -11.76
N PHE A 145 10.90 11.95 -11.67
CA PHE A 145 9.64 11.31 -11.31
C PHE A 145 9.56 11.18 -9.79
N ASP A 146 8.61 11.91 -9.17
CA ASP A 146 8.32 11.86 -7.73
C ASP A 146 7.28 10.80 -7.53
N MSE A 147 7.75 9.58 -7.22
CA MSE A 147 7.00 8.32 -7.09
C MSE A 147 6.34 8.22 -5.73
O MSE A 147 7.01 8.15 -4.71
CB MSE A 147 7.94 7.10 -7.28
CG MSE A 147 8.69 7.01 -8.65
SE MSE A 147 7.51 6.46 -10.02
CE MSE A 147 8.69 6.27 -11.50
N VAL A 148 5.02 8.12 -5.76
CA VAL A 148 4.19 7.98 -4.56
C VAL A 148 3.70 6.52 -4.49
N HIS A 149 3.61 5.90 -3.29
CA HIS A 149 3.00 4.57 -3.16
C HIS A 149 1.53 4.62 -3.52
N ALA A 150 1.03 3.65 -4.30
CA ALA A 150 -0.41 3.59 -4.60
C ALA A 150 -1.17 2.99 -3.44
N TYR A 151 -0.54 2.08 -2.69
CA TYR A 151 -1.18 1.36 -1.57
C TYR A 151 -0.84 1.94 -0.18
N SER A 152 -1.56 1.45 0.84
CA SER A 152 -1.30 1.55 2.28
C SER A 152 -0.64 0.23 2.69
N LEU A 153 0.19 0.26 3.75
CA LEU A 153 0.80 -0.96 4.26
C LEU A 153 0.19 -1.26 5.64
N VAL A 154 -0.48 -2.42 5.77
CA VAL A 154 -1.01 -2.85 7.05
C VAL A 154 -0.07 -3.91 7.55
N GLU A 155 0.48 -3.69 8.75
CA GLU A 155 1.44 -4.62 9.35
C GLU A 155 0.89 -5.18 10.71
N LEU A 156 0.57 -6.48 10.76
CA LEU A 156 0.09 -7.15 11.97
C LEU A 156 1.27 -7.77 12.71
N LYS A 157 1.37 -7.53 14.04
CA LYS A 157 2.44 -8.10 14.90
C LYS A 157 1.75 -8.92 15.97
N ILE A 158 1.69 -10.22 15.77
CA ILE A 158 0.96 -11.12 16.64
C ILE A 158 1.89 -11.85 17.63
N SER A 159 1.56 -11.71 18.93
CA SER A 159 2.30 -12.32 20.04
C SER A 159 1.34 -13.03 21.03
N ARG A 160 1.95 -13.78 21.97
CA ARG A 160 1.32 -14.58 23.03
C ARG A 160 1.73 -14.13 24.41
N GLU A 161 0.82 -14.23 25.36
CA GLU A 161 1.08 -13.99 26.78
C GLU A 161 0.12 -14.83 27.60
N ASN A 162 0.67 -15.69 28.50
CA ASN A 162 -0.08 -16.57 29.41
C ASN A 162 -1.09 -17.46 28.63
N TYR A 163 -0.63 -18.02 27.50
CA TYR A 163 -1.43 -18.87 26.63
C TYR A 163 -0.84 -20.28 26.73
N PHE A 164 -1.70 -21.28 27.06
CA PHE A 164 -1.21 -22.64 27.30
C PHE A 164 -1.78 -23.69 26.31
N MSE A 165 -2.05 -23.27 25.08
CA MSE A 165 -2.53 -24.17 24.02
C MSE A 165 -1.53 -24.05 22.86
O MSE A 165 -0.63 -23.22 22.98
CB MSE A 165 -3.96 -23.83 23.63
CG MSE A 165 -4.96 -24.11 24.73
SE MSE A 165 -6.63 -24.70 24.01
CE MSE A 165 -7.40 -22.97 23.52
N PRO A 166 -1.56 -24.89 21.79
CA PRO A 166 -0.53 -24.76 20.73
C PRO A 166 -0.46 -23.37 20.07
N CYS A 167 -1.61 -22.65 20.01
CA CYS A 167 -1.75 -21.31 19.40
C CYS A 167 -1.52 -21.38 17.88
N GLU A 168 -2.19 -22.36 17.25
CA GLU A 168 -2.13 -22.56 15.81
C GLU A 168 -3.18 -21.64 15.15
N ILE A 169 -2.70 -20.67 14.37
CA ILE A 169 -3.50 -19.71 13.63
C ILE A 169 -3.79 -20.30 12.23
N SER A 170 -5.08 -20.48 11.89
CA SER A 170 -5.48 -21.04 10.59
C SER A 170 -6.20 -20.00 9.70
N LYS A 171 -6.53 -18.81 10.26
CA LYS A 171 -7.21 -17.77 9.50
C LYS A 171 -7.02 -16.39 10.15
N ILE A 172 -6.82 -15.35 9.31
CA ILE A 172 -6.71 -13.93 9.64
C ILE A 172 -7.49 -13.15 8.58
N THR A 173 -8.50 -12.38 9.03
CA THR A 173 -9.36 -11.55 8.20
C THR A 173 -9.38 -10.13 8.71
N LEU A 174 -9.29 -9.16 7.77
CA LEU A 174 -9.40 -7.72 8.03
C LEU A 174 -10.83 -7.34 7.66
N LYS A 175 -11.56 -6.75 8.59
CA LYS A 175 -12.99 -6.51 8.41
C LYS A 175 -13.40 -5.05 8.51
N ASN A 176 -14.15 -4.60 7.50
CA ASN A 176 -14.78 -3.28 7.35
C ASN A 176 -15.51 -3.30 6.03
N SER A 177 -16.73 -2.77 6.03
CA SER A 177 -17.60 -2.78 4.83
C SER A 177 -17.03 -1.94 3.70
N ASN A 178 -16.14 -0.95 4.01
CA ASN A 178 -15.51 -0.06 3.02
C ASN A 178 -14.25 -0.63 2.36
N LEU A 179 -13.65 -1.70 2.90
CA LEU A 179 -12.40 -2.22 2.33
C LEU A 179 -12.55 -2.57 0.84
N ILE A 180 -11.61 -2.09 0.03
CA ILE A 180 -11.59 -2.33 -1.40
C ILE A 180 -10.65 -3.50 -1.66
N LYS A 181 -11.18 -4.56 -2.30
CA LYS A 181 -10.43 -5.76 -2.66
C LYS A 181 -9.74 -5.60 -4.03
N LYS A 182 -10.43 -5.04 -5.01
CA LYS A 182 -9.92 -4.80 -6.37
C LYS A 182 -10.35 -3.45 -6.86
N GLY A 183 -9.51 -2.86 -7.67
CA GLY A 183 -9.77 -1.56 -8.26
C GLY A 183 -8.70 -1.14 -9.24
N THR A 184 -8.81 0.10 -9.72
CA THR A 184 -7.82 0.67 -10.65
C THR A 184 -7.50 2.09 -10.22
N ILE A 185 -6.33 2.59 -10.61
CA ILE A 185 -5.87 3.92 -10.30
C ILE A 185 -5.48 4.66 -11.58
N ASN A 186 -5.84 5.95 -11.66
CA ASN A 186 -5.48 6.79 -12.76
C ASN A 186 -4.16 7.46 -12.36
N ILE A 187 -3.03 6.93 -12.87
CA ILE A 187 -1.68 7.40 -12.52
C ILE A 187 -1.30 8.66 -13.34
N ALA A 188 -2.17 9.09 -14.27
CA ALA A 188 -1.87 10.25 -15.12
C ALA A 188 -2.44 11.55 -14.56
N VAL A 189 -3.75 11.59 -14.32
CA VAL A 189 -4.42 12.83 -13.98
C VAL A 189 -4.43 13.14 -12.48
N ASP A 190 -5.09 12.30 -11.66
CA ASP A 190 -5.31 12.65 -10.26
C ASP A 190 -4.99 11.58 -9.21
N GLY A 191 -4.65 10.36 -9.63
CA GLY A 191 -4.39 9.26 -8.69
C GLY A 191 -5.68 8.73 -8.07
N SER A 192 -6.85 9.07 -8.64
CA SER A 192 -8.13 8.63 -8.14
C SER A 192 -8.31 7.14 -8.40
N ILE A 193 -8.88 6.46 -7.41
CA ILE A 193 -9.06 5.01 -7.41
C ILE A 193 -10.51 4.69 -7.67
N HIS A 194 -10.73 3.84 -8.68
CA HIS A 194 -12.03 3.32 -9.04
C HIS A 194 -12.18 1.93 -8.41
N SER A 195 -13.13 1.79 -7.51
CA SER A 195 -13.41 0.52 -6.84
C SER A 195 -14.19 -0.44 -7.76
N SER A 196 -13.77 -1.69 -7.85
CA SER A 196 -14.51 -2.68 -8.66
C SER A 196 -15.06 -3.82 -7.77
N GLU A 197 -14.45 -4.06 -6.58
CA GLU A 197 -14.87 -5.09 -5.63
C GLU A 197 -14.56 -4.67 -4.19
N THR A 198 -15.58 -4.73 -3.31
CA THR A 198 -15.41 -4.38 -1.90
C THR A 198 -15.67 -5.60 -1.00
N GLY A 199 -15.26 -5.48 0.26
CA GLY A 199 -15.43 -6.53 1.26
C GLY A 199 -14.20 -6.80 2.12
N ASN A 200 -14.37 -7.71 3.10
CA ASN A 200 -13.38 -8.14 4.07
C ASN A 200 -12.18 -8.80 3.41
N TYR A 201 -10.97 -8.58 3.97
CA TYR A 201 -9.78 -9.16 3.36
C TYR A 201 -9.28 -10.36 4.17
N ASP A 202 -9.19 -11.54 3.52
CA ASP A 202 -8.66 -12.80 4.07
C ASP A 202 -7.18 -12.96 3.66
N LEU A 203 -6.27 -13.02 4.63
CA LEU A 203 -4.82 -13.18 4.38
C LEU A 203 -4.55 -14.57 3.78
N THR A 204 -3.63 -14.63 2.83
CA THR A 204 -3.31 -15.88 2.14
C THR A 204 -2.08 -16.56 2.75
N THR A 205 -1.33 -15.84 3.60
CA THR A 205 -0.09 -16.34 4.17
C THR A 205 -0.38 -17.43 5.26
N VAL A 206 -1.62 -17.47 5.77
CA VAL A 206 -2.07 -18.42 6.78
C VAL A 206 -3.49 -18.88 6.43
N THR A 207 -3.65 -20.20 6.22
CA THR A 207 -4.93 -20.84 5.84
C THR A 207 -5.11 -22.15 6.61
N ASP A 208 -6.27 -22.84 6.45
CA ASP A 208 -6.49 -24.14 7.12
C ASP A 208 -5.53 -25.16 6.50
N ALA A 209 -5.29 -25.05 5.19
CA ALA A 209 -4.32 -25.86 4.46
C ALA A 209 -2.90 -25.53 4.94
N SER A 210 -2.56 -24.21 5.03
CA SER A 210 -1.24 -23.70 5.44
C SER A 210 -1.29 -22.92 6.79
N PRO A 211 -1.47 -23.60 7.97
CA PRO A 211 -1.53 -22.86 9.25
C PRO A 211 -0.18 -22.46 9.85
N HIS A 212 -0.20 -21.50 10.80
CA HIS A 212 1.00 -21.05 11.47
C HIS A 212 0.84 -21.21 12.98
N THR A 213 1.80 -21.89 13.60
CA THR A 213 1.81 -22.11 15.05
C THR A 213 2.69 -21.03 15.68
N LEU A 214 2.06 -20.15 16.47
CA LEU A 214 2.75 -19.08 17.18
C LEU A 214 3.41 -19.66 18.45
N SER A 215 4.73 -19.53 18.54
CA SER A 215 5.52 -20.03 19.68
C SER A 215 5.60 -18.97 20.76
N VAL A 216 5.98 -19.40 21.99
CA VAL A 216 6.18 -18.54 23.15
C VAL A 216 7.35 -17.57 22.82
N GLY A 217 7.13 -16.27 23.05
CA GLY A 217 8.15 -15.26 22.77
C GLY A 217 8.30 -14.86 21.31
N GLU A 218 7.54 -15.51 20.41
CA GLU A 218 7.55 -15.19 18.97
C GLU A 218 6.69 -13.95 18.67
N SER A 219 7.14 -13.15 17.72
CA SER A 219 6.41 -12.01 17.14
C SER A 219 6.22 -12.32 15.67
N TYR A 220 5.02 -12.81 15.29
CA TYR A 220 4.59 -13.18 13.94
C TYR A 220 4.08 -11.95 13.18
N VAL A 221 4.84 -11.50 12.16
CA VAL A 221 4.56 -10.31 11.36
C VAL A 221 3.91 -10.70 10.00
N CYS A 222 2.76 -10.10 9.72
CA CYS A 222 1.94 -10.25 8.51
C CYS A 222 1.75 -8.91 7.91
N ARG A 223 2.25 -8.72 6.71
CA ARG A 223 2.19 -7.46 5.98
C ARG A 223 1.21 -7.59 4.83
N VAL A 224 0.39 -6.57 4.65
CA VAL A 224 -0.62 -6.56 3.64
C VAL A 224 -0.60 -5.23 2.89
N LEU A 225 -0.58 -5.30 1.54
CA LEU A 225 -0.73 -4.16 0.66
C LEU A 225 -2.23 -3.90 0.58
N MSE A 226 -2.68 -2.75 1.09
CA MSE A 226 -4.10 -2.48 1.16
C MSE A 226 -4.47 -1.28 0.32
O MSE A 226 -3.75 -0.26 0.35
CB MSE A 226 -4.46 -2.25 2.65
CG MSE A 226 -5.95 -2.25 2.94
SE MSE A 226 -6.92 -3.99 2.84
CE MSE A 226 -5.57 -5.18 3.14
N ILE A 227 -5.58 -1.40 -0.42
CA ILE A 227 -6.03 -0.29 -1.25
C ILE A 227 -6.54 0.83 -0.30
N PRO A 228 -5.99 2.07 -0.44
CA PRO A 228 -6.41 3.17 0.46
C PRO A 228 -7.91 3.42 0.43
N VAL A 229 -8.51 3.62 1.63
CA VAL A 229 -9.94 3.84 1.76
C VAL A 229 -10.26 4.41 3.15
N PRO A 230 -11.22 5.36 3.27
CA PRO A 230 -11.68 5.75 4.62
C PRO A 230 -12.53 4.62 5.20
N LEU A 231 -12.38 4.32 6.50
CA LEU A 231 -13.10 3.23 7.17
C LEU A 231 -14.45 3.72 7.69
N LYS A 232 -15.42 2.79 7.72
CA LYS A 232 -16.77 3.01 8.24
C LYS A 232 -16.80 2.73 9.72
N ILE A 233 -17.55 3.55 10.49
CA ILE A 233 -17.81 3.30 11.91
C ILE A 233 -18.81 2.13 11.91
N GLU A 234 -18.33 0.93 12.30
CA GLU A 234 -19.11 -0.29 12.27
C GLU A 234 -19.94 -0.51 13.53
N ARG A 235 -19.52 0.12 14.64
CA ARG A 235 -20.19 0.00 15.94
C ARG A 235 -19.90 1.19 16.84
N THR A 236 -20.92 1.60 17.58
CA THR A 236 -20.89 2.63 18.63
C THR A 236 -21.47 1.95 19.88
N ASP A 237 -20.66 1.79 20.96
CA ASP A 237 -21.10 1.14 22.20
C ASP A 237 -21.95 2.10 23.06
N ALA A 238 -22.47 1.62 24.22
CA ALA A 238 -23.29 2.38 25.17
C ALA A 238 -22.57 3.64 25.71
N GLU A 239 -21.22 3.57 25.83
CA GLU A 239 -20.34 4.64 26.32
C GLU A 239 -19.97 5.66 25.22
N GLY A 240 -20.48 5.45 24.00
CA GLY A 240 -20.25 6.32 22.86
C GLY A 240 -19.04 6.00 22.00
N GLY A 241 -18.16 5.09 22.48
CA GLY A 241 -16.95 4.66 21.79
C GLY A 241 -17.22 4.07 20.41
N GLU A 242 -16.48 4.54 19.39
CA GLU A 242 -16.63 4.12 17.99
C GLU A 242 -15.55 3.11 17.54
N PHE A 243 -15.97 2.12 16.71
CA PHE A 243 -15.12 1.06 16.18
C PHE A 243 -15.17 0.99 14.65
N GLY A 244 -14.00 0.98 14.03
CA GLY A 244 -13.85 0.92 12.57
C GLY A 244 -13.46 -0.46 12.09
N LEU A 245 -12.14 -0.70 12.02
CA LEU A 245 -11.63 -2.00 11.60
C LEU A 245 -11.78 -3.07 12.68
N SER A 246 -12.04 -4.31 12.24
CA SER A 246 -12.01 -5.52 13.05
C SER A 246 -11.02 -6.47 12.46
N VAL A 247 -10.37 -7.25 13.31
CA VAL A 247 -9.44 -8.30 12.90
C VAL A 247 -10.02 -9.60 13.50
N SER A 248 -10.38 -10.55 12.64
CA SER A 248 -10.88 -11.87 13.01
C SER A 248 -9.74 -12.92 12.87
N LEU A 249 -9.47 -13.71 13.92
CA LEU A 249 -8.41 -14.72 13.91
C LEU A 249 -8.95 -16.09 14.39
N VAL A 250 -8.64 -17.16 13.65
CA VAL A 250 -9.03 -18.51 14.06
C VAL A 250 -7.79 -19.13 14.73
N ILE A 251 -7.79 -19.15 16.07
CA ILE A 251 -6.69 -19.69 16.89
C ILE A 251 -7.19 -20.97 17.58
N ASP A 252 -6.50 -22.11 17.29
CA ASP A 252 -6.80 -23.46 17.78
C ASP A 252 -8.27 -23.81 17.55
N GLY A 253 -8.76 -23.49 16.34
CA GLY A 253 -10.14 -23.72 15.91
C GLY A 253 -11.19 -22.76 16.47
N GLN A 254 -10.77 -21.79 17.29
CA GLN A 254 -11.67 -20.81 17.89
C GLN A 254 -11.53 -19.44 17.25
N GLN A 255 -12.66 -18.92 16.70
CA GLN A 255 -12.72 -17.60 16.10
C GLN A 255 -12.72 -16.52 17.18
N MSE A 256 -11.80 -15.58 17.04
CA MSE A 256 -11.61 -14.46 17.96
C MSE A 256 -11.67 -13.14 17.20
O MSE A 256 -10.93 -12.97 16.23
CB MSE A 256 -10.26 -14.58 18.66
CG MSE A 256 -10.02 -15.93 19.33
SE MSE A 256 -8.76 -15.62 20.75
CE MSE A 256 -9.96 -14.53 21.96
N LEU A 257 -12.56 -12.23 17.61
CA LEU A 257 -12.70 -10.93 16.97
C LEU A 257 -12.08 -9.84 17.84
N VAL A 258 -11.27 -8.98 17.20
CA VAL A 258 -10.60 -7.81 17.81
C VAL A 258 -11.13 -6.57 17.16
N GLU A 259 -11.70 -5.64 17.95
CA GLU A 259 -12.23 -4.37 17.44
C GLU A 259 -11.21 -3.24 17.63
N ILE A 260 -10.88 -2.51 16.55
CA ILE A 260 -9.94 -1.40 16.60
C ILE A 260 -10.72 -0.10 16.77
N PRO A 261 -10.46 0.69 17.84
CA PRO A 261 -11.16 1.97 18.00
C PRO A 261 -10.99 2.87 16.77
N TYR A 262 -12.09 3.50 16.30
CA TYR A 262 -12.14 4.36 15.12
C TYR A 262 -11.22 5.58 15.27
N SER A 263 -11.10 6.13 16.50
CA SER A 263 -10.25 7.27 16.81
C SER A 263 -8.76 6.96 16.57
N GLU A 264 -8.37 5.68 16.75
CA GLU A 264 -7.01 5.17 16.57
C GLU A 264 -6.67 4.82 15.12
N LEU A 265 -7.67 4.43 14.31
CA LEU A 265 -7.53 4.04 12.89
C LEU A 265 -8.86 4.30 12.16
N GLY A 266 -8.94 5.41 11.45
CA GLY A 266 -10.15 5.79 10.73
C GLY A 266 -10.05 5.69 9.23
N GLU A 267 -8.80 5.58 8.72
CA GLU A 267 -8.52 5.52 7.29
C GLU A 267 -7.20 4.82 7.00
N PHE A 268 -7.12 4.19 5.81
CA PHE A 268 -5.91 3.67 5.21
C PHE A 268 -5.52 4.72 4.20
N ARG A 269 -4.46 5.53 4.51
CA ARG A 269 -3.98 6.59 3.62
CA ARG A 269 -3.97 6.59 3.62
C ARG A 269 -2.82 6.08 2.78
N GLN A 270 -2.76 6.51 1.49
CA GLN A 270 -1.71 6.13 0.55
CA GLN A 270 -1.70 6.08 0.56
C GLN A 270 -0.32 6.41 1.12
N GLY A 271 0.59 5.46 0.98
CA GLY A 271 1.96 5.61 1.47
C GLY A 271 2.18 5.58 2.97
N GLU A 272 1.12 5.30 3.78
CA GLU A 272 1.30 5.17 5.23
C GLU A 272 1.34 3.70 5.65
N LYS A 273 2.09 3.41 6.72
CA LYS A 273 2.22 2.09 7.36
C LYS A 273 1.44 2.08 8.69
N TYR A 274 0.60 1.07 8.90
CA TYR A 274 -0.18 0.90 10.12
C TYR A 274 0.26 -0.38 10.76
N VAL A 275 0.98 -0.27 11.87
CA VAL A 275 1.45 -1.39 12.66
C VAL A 275 0.35 -1.71 13.68
N ILE A 276 -0.27 -2.88 13.56
CA ILE A 276 -1.33 -3.30 14.47
C ILE A 276 -0.81 -4.48 15.33
N GLY A 277 -0.48 -4.16 16.57
CA GLY A 277 -0.03 -5.13 17.56
C GLY A 277 -1.23 -5.87 18.10
N LEU A 278 -1.15 -7.19 18.15
CA LEU A 278 -2.21 -8.07 18.65
C LEU A 278 -1.58 -9.07 19.59
N LYS A 279 -1.77 -8.85 20.91
CA LYS A 279 -1.23 -9.73 21.94
C LYS A 279 -2.35 -10.63 22.45
N ILE A 280 -2.22 -11.95 22.19
CA ILE A 280 -3.19 -12.97 22.61
C ILE A 280 -2.92 -13.36 24.08
N LYS A 281 -3.82 -12.94 24.98
CA LYS A 281 -3.75 -13.23 26.43
C LYS A 281 -4.74 -14.34 26.74
N GLY A 282 -4.21 -15.49 27.13
CA GLY A 282 -5.00 -16.68 27.47
C GLY A 282 -5.81 -16.50 28.73
N THR A 283 -6.81 -17.40 28.91
CA THR A 283 -7.74 -17.40 30.05
C THR A 283 -6.94 -17.39 31.37
N GLU A 284 -7.34 -16.50 32.28
CA GLU A 284 -6.67 -16.27 33.55
C GLU A 284 -7.65 -16.17 34.74
N ILE A 285 -7.30 -16.81 35.87
CA ILE A 285 -8.08 -16.70 37.12
C ILE A 285 -7.24 -15.84 38.05
N VAL A 286 -7.80 -14.68 38.43
CA VAL A 286 -7.14 -13.70 39.30
C VAL A 286 -7.59 -13.94 40.75
N PRO A 287 -6.65 -14.29 41.67
CA PRO A 287 -7.03 -14.53 43.07
C PRO A 287 -6.86 -13.32 44.00
N THR A 288 -7.76 -13.21 44.96
CA THR A 288 -7.75 -12.19 46.01
C THR A 288 -7.92 -12.95 47.31
N VAL A 289 -7.21 -12.54 48.38
CA VAL A 289 -7.30 -13.14 49.69
C VAL A 289 -7.52 -12.08 50.76
N LYS A 290 -8.50 -12.31 51.62
CA LYS A 290 -8.78 -11.48 52.77
C LYS A 290 -9.09 -12.40 53.95
N ALA A 291 -8.34 -12.26 55.07
CA ALA A 291 -8.55 -13.00 56.31
C ALA A 291 -9.43 -12.15 57.19
N LEU A 292 -10.43 -12.77 57.82
CA LEU A 292 -11.44 -12.07 58.58
C LEU A 292 -11.95 -12.84 59.75
N GLU A 293 -12.69 -12.16 60.60
CA GLU A 293 -13.48 -12.72 61.69
C GLU A 293 -14.53 -13.62 61.02
N TRP A 294 -14.92 -14.72 61.68
CA TRP A 294 -15.87 -15.70 61.16
C TRP A 294 -17.23 -15.05 60.82
N GLU A 295 -17.83 -14.36 61.80
CA GLU A 295 -19.10 -13.64 61.65
C GLU A 295 -18.83 -12.18 61.32
N ASP A 296 -19.27 -11.71 60.16
CA ASP A 296 -19.05 -10.32 59.74
C ASP A 296 -19.93 -9.29 60.54
N GLU A 297 -19.66 -7.97 60.31
CA GLU A 297 -20.36 -6.85 60.96
C GLU A 297 -20.10 -5.55 60.18
CL CL B . 8.01 -2.87 4.97
CL CL C . 16.85 12.07 -33.98
C1 GOL D . 9.34 -2.52 11.93
O1 GOL D . 8.20 -1.73 12.31
C2 GOL D . 8.94 -3.53 10.84
O2 GOL D . 9.03 -4.90 11.27
C3 GOL D . 9.70 -3.34 9.52
O3 GOL D . 8.83 -3.69 8.44
C1 GOL E . -5.02 -19.05 35.63
O1 GOL E . -4.53 -18.35 36.78
C2 GOL E . -3.89 -19.64 34.77
O2 GOL E . -3.15 -18.59 34.13
C3 GOL E . -4.42 -20.69 33.77
O3 GOL E . -4.91 -21.90 34.42
C1 GOL F . -3.20 -1.74 -17.75
O1 GOL F . -3.19 -0.35 -17.41
C2 GOL F . -4.52 -2.42 -18.19
O2 GOL F . -4.66 -3.58 -17.35
C3 GOL F . -4.29 -2.96 -19.61
O3 GOL F . -5.45 -2.74 -20.45
#